data_8RRQ
#
_entry.id   8RRQ
#
_cell.length_a   39.204
_cell.length_b   87.344
_cell.length_c   40.048
_cell.angle_alpha   90.000
_cell.angle_beta   92.159
_cell.angle_gamma   90.000
#
_symmetry.space_group_name_H-M   'P 1 21 1'
#
loop_
_entity.id
_entity.type
_entity.pdbx_description
1 polymer 'Tyrosine-protein kinase SYK'
2 non-polymer N-[(1S,2R)-2-azanylcyclohexyl]-5-[2-[(3,5-dimethylphenyl)amino]pyrimidin-4-yl]-2-methyl-pyrazole-3-carboxamide
3 non-polymer GLYCEROL
4 water water
#
_entity_poly.entity_id   1
_entity_poly.type   'polypeptide(L)'
_entity_poly.pdbx_seq_one_letter_code
;GPEEIRPKEVYLDRKLLTLEDKELGSGNFGTVKKGYYQMKKVVKTVAVKILKNEANDPALKDELLAEANVMQQLDNPYIV
RMIGICEAESWMLVMEMAELGPLNKYLQQNRHVKDKNIIELVHQVSMGMKYLEESNFVHRDLAARNVLLVTQHYAKISDF
GLSKALRADEN(PTR)(PTR)KAQTHGKWPVKWYAPECINYYKFSSKSDVWSFGVLMWEAFSYGQKPYRGMKGSEVTAML
EKGERMGCPAGCPREMYDLMNLCWTYDVENRPGFAAVELRLRNYYYDVVN
;
_entity_poly.pdbx_strand_id   A
#
# COMPACT_ATOMS: atom_id res chain seq x y z
N VAL A 10 -14.36 -17.30 1.07
CA VAL A 10 -14.52 -17.34 2.55
C VAL A 10 -15.61 -16.34 2.91
N TYR A 11 -16.87 -16.80 3.00
CA TYR A 11 -17.99 -15.95 3.37
C TYR A 11 -18.25 -16.06 4.86
N LEU A 12 -18.23 -14.92 5.54
CA LEU A 12 -18.36 -14.89 6.97
C LEU A 12 -19.83 -14.77 7.35
N ASP A 13 -20.12 -15.15 8.59
CA ASP A 13 -21.42 -15.03 9.20
C ASP A 13 -21.55 -13.65 9.83
N ARG A 14 -22.45 -12.81 9.27
CA ARG A 14 -22.73 -11.47 9.78
C ARG A 14 -23.05 -11.50 11.29
N LYS A 15 -23.61 -12.61 11.79
CA LYS A 15 -24.01 -12.70 13.19
C LYS A 15 -22.81 -12.76 14.14
N LEU A 16 -21.66 -13.17 13.63
CA LEU A 16 -20.46 -13.27 14.45
C LEU A 16 -19.62 -11.99 14.36
N LEU A 17 -20.11 -10.96 13.63
CA LEU A 17 -19.41 -9.71 13.46
C LEU A 17 -20.18 -8.62 14.19
N THR A 18 -19.46 -7.83 14.98
CA THR A 18 -19.93 -6.60 15.57
C THR A 18 -19.09 -5.46 15.06
N LEU A 19 -19.78 -4.37 14.65
CA LEU A 19 -19.15 -3.20 14.07
C LEU A 19 -19.38 -2.02 15.01
N GLU A 20 -18.36 -1.20 15.17
CA GLU A 20 -18.49 0.08 15.86
C GLU A 20 -19.03 1.11 14.88
N ASP A 21 -19.86 2.03 15.41
CA ASP A 21 -20.51 3.05 14.61
C ASP A 21 -19.53 4.09 14.11
N LYS A 22 -18.61 4.54 14.98
CA LYS A 22 -17.68 5.58 14.58
C LYS A 22 -16.62 4.98 13.68
N GLU A 23 -16.68 5.32 12.39
CA GLU A 23 -15.79 4.80 11.38
C GLU A 23 -14.34 5.14 11.75
N LEU A 24 -13.41 4.28 11.31
CA LEU A 24 -11.98 4.53 11.39
C LEU A 24 -11.56 5.50 10.31
N GLY A 25 -12.27 5.39 9.19
CA GLY A 25 -11.86 6.04 7.98
C GLY A 25 -12.94 5.99 6.91
N SER A 26 -12.73 6.86 5.94
CA SER A 26 -13.60 7.06 4.79
C SER A 26 -12.70 7.22 3.58
N GLY A 27 -13.21 6.76 2.47
CA GLY A 27 -12.57 6.99 1.19
C GLY A 27 -13.66 7.20 0.16
N ASN A 28 -13.24 7.44 -1.09
CA ASN A 28 -14.20 7.64 -2.16
C ASN A 28 -15.10 6.42 -2.27
N PHE A 29 -14.65 5.24 -1.82
CA PHE A 29 -15.40 4.00 -1.98
C PHE A 29 -16.44 3.73 -0.89
N GLY A 30 -16.35 4.42 0.26
CA GLY A 30 -17.21 4.10 1.41
C GLY A 30 -16.44 4.23 2.73
N THR A 31 -16.62 3.28 3.67
CA THR A 31 -15.98 3.41 4.98
C THR A 31 -15.19 2.18 5.44
N VAL A 32 -14.28 2.44 6.39
CA VAL A 32 -13.59 1.38 7.12
C VAL A 32 -14.06 1.49 8.57
N LYS A 33 -14.58 0.41 9.13
CA LYS A 33 -15.03 0.36 10.51
C LYS A 33 -14.23 -0.65 11.31
N LYS A 34 -14.13 -0.32 12.59
CA LYS A 34 -13.60 -1.27 13.55
C LYS A 34 -14.66 -2.27 13.93
N GLY A 35 -14.25 -3.52 14.14
CA GLY A 35 -15.17 -4.55 14.55
C GLY A 35 -14.49 -5.68 15.32
N TYR A 36 -15.32 -6.62 15.71
CA TYR A 36 -14.91 -7.78 16.48
C TYR A 36 -15.56 -8.98 15.82
N TYR A 37 -14.74 -9.97 15.46
CA TYR A 37 -15.25 -11.17 14.80
C TYR A 37 -15.00 -12.39 15.70
N GLN A 38 -16.06 -13.12 16.01
CA GLN A 38 -15.97 -14.28 16.88
C GLN A 38 -15.45 -15.47 16.09
N MET A 39 -14.25 -15.92 16.45
CA MET A 39 -13.58 -17.05 15.82
C MET A 39 -14.02 -18.29 16.63
N LYS A 40 -13.31 -19.42 16.45
CA LYS A 40 -13.63 -20.67 17.12
C LYS A 40 -13.68 -20.50 18.65
N LYS A 41 -12.73 -19.75 19.21
CA LYS A 41 -12.67 -19.57 20.65
C LYS A 41 -12.58 -18.06 20.97
N VAL A 42 -11.59 -17.40 20.39
CA VAL A 42 -11.33 -16.00 20.76
C VAL A 42 -12.11 -15.09 19.80
N VAL A 43 -12.28 -13.82 20.22
CA VAL A 43 -12.65 -12.75 19.30
C VAL A 43 -11.36 -12.22 18.68
N LYS A 44 -11.46 -11.89 17.37
CA LYS A 44 -10.41 -11.19 16.68
C LYS A 44 -10.86 -9.78 16.33
N THR A 45 -10.00 -8.79 16.63
CA THR A 45 -10.26 -7.41 16.28
C THR A 45 -10.03 -7.24 14.78
N VAL A 46 -11.00 -6.58 14.09
CA VAL A 46 -10.96 -6.50 12.64
C VAL A 46 -11.18 -5.05 12.20
N ALA A 47 -10.60 -4.76 11.04
CA ALA A 47 -10.89 -3.59 10.23
C ALA A 47 -11.74 -4.06 9.07
N VAL A 48 -12.83 -3.32 8.83
CA VAL A 48 -13.83 -3.81 7.88
C VAL A 48 -14.05 -2.72 6.82
N LYS A 49 -13.77 -3.08 5.55
CA LYS A 49 -14.06 -2.18 4.43
C LYS A 49 -15.48 -2.45 3.93
N ILE A 50 -16.33 -1.38 3.95
CA ILE A 50 -17.77 -1.48 3.75
C ILE A 50 -18.09 -0.52 2.59
N LEU A 51 -18.71 -1.04 1.54
CA LEU A 51 -18.81 -0.20 0.35
C LEU A 51 -19.90 0.85 0.54
N LYS A 52 -19.63 2.06 -0.02
CA LYS A 52 -20.55 3.21 0.07
C LYS A 52 -21.87 2.88 -0.62
N ASN A 53 -22.96 3.46 -0.07
CA ASN A 53 -24.31 3.44 -0.66
C ASN A 53 -24.80 2.02 -0.93
N GLU A 54 -24.39 1.06 -0.09
CA GLU A 54 -24.96 -0.29 -0.08
C GLU A 54 -24.44 -1.19 -1.23
N ALA A 55 -23.34 -0.80 -1.86
CA ALA A 55 -22.67 -1.66 -2.84
C ALA A 55 -23.57 -1.88 -4.05
N ASN A 56 -24.46 -0.91 -4.30
CA ASN A 56 -25.22 -0.95 -5.54
C ASN A 56 -24.32 -0.70 -6.76
N ASP A 57 -23.19 0.03 -6.62
CA ASP A 57 -22.32 0.28 -7.76
C ASP A 57 -21.61 -1.02 -8.13
N PRO A 58 -21.91 -1.63 -9.30
CA PRO A 58 -21.41 -2.96 -9.61
C PRO A 58 -19.89 -2.98 -9.83
N ALA A 59 -19.29 -1.86 -10.22
CA ALA A 59 -17.86 -1.83 -10.47
C ALA A 59 -17.13 -1.80 -9.13
N LEU A 60 -17.73 -1.15 -8.13
CA LEU A 60 -17.23 -1.12 -6.75
C LEU A 60 -17.24 -2.50 -6.13
N LYS A 61 -18.37 -3.17 -6.25
CA LYS A 61 -18.51 -4.51 -5.78
C LYS A 61 -17.50 -5.46 -6.46
N ASP A 62 -17.39 -5.39 -7.79
CA ASP A 62 -16.43 -6.24 -8.48
C ASP A 62 -15.04 -5.97 -7.93
N GLU A 63 -14.72 -4.68 -7.68
CA GLU A 63 -13.39 -4.29 -7.25
C GLU A 63 -13.17 -4.92 -5.88
N LEU A 64 -14.18 -4.94 -5.01
CA LEU A 64 -14.02 -5.54 -3.68
C LEU A 64 -13.73 -7.04 -3.78
N LEU A 65 -14.50 -7.75 -4.61
CA LEU A 65 -14.36 -9.19 -4.73
C LEU A 65 -12.99 -9.52 -5.29
N ALA A 66 -12.50 -8.69 -6.20
CA ALA A 66 -11.22 -8.94 -6.83
C ALA A 66 -10.12 -8.66 -5.79
N GLU A 67 -10.34 -7.62 -4.95
CA GLU A 67 -9.45 -7.27 -3.85
C GLU A 67 -9.35 -8.43 -2.84
N ALA A 68 -10.51 -9.00 -2.48
CA ALA A 68 -10.59 -10.16 -1.60
C ALA A 68 -9.87 -11.36 -2.23
N ASN A 69 -10.08 -11.56 -3.53
CA ASN A 69 -9.48 -12.70 -4.22
C ASN A 69 -7.95 -12.63 -4.19
N VAL A 70 -7.40 -11.42 -4.37
CA VAL A 70 -5.95 -11.21 -4.26
C VAL A 70 -5.48 -11.49 -2.83
N MET A 71 -6.14 -10.90 -1.81
CA MET A 71 -5.64 -11.00 -0.44
C MET A 71 -5.67 -12.47 0.03
N GLN A 72 -6.68 -13.22 -0.39
CA GLN A 72 -6.80 -14.62 0.00
C GLN A 72 -5.59 -15.42 -0.43
N GLN A 73 -4.93 -15.01 -1.52
CA GLN A 73 -3.83 -15.79 -2.08
C GLN A 73 -2.48 -15.47 -1.41
N LEU A 74 -2.43 -14.39 -0.61
CA LEU A 74 -1.18 -13.88 -0.04
C LEU A 74 -1.06 -14.36 1.41
N ASP A 75 0.15 -14.80 1.74
CA ASP A 75 0.48 -15.22 3.08
C ASP A 75 1.92 -14.82 3.38
N ASN A 76 2.03 -13.71 4.11
CA ASN A 76 3.32 -13.09 4.37
C ASN A 76 3.18 -12.21 5.61
N PRO A 77 4.22 -12.14 6.50
CA PRO A 77 4.09 -11.32 7.70
C PRO A 77 3.94 -9.81 7.51
N TYR A 78 4.20 -9.31 6.29
CA TYR A 78 4.17 -7.89 6.00
C TYR A 78 3.03 -7.53 5.06
N ILE A 79 2.03 -8.42 5.02
CA ILE A 79 0.83 -8.18 4.24
C ILE A 79 -0.39 -8.42 5.11
N VAL A 80 -1.31 -7.47 5.16
CA VAL A 80 -2.49 -7.65 5.97
C VAL A 80 -3.25 -8.93 5.60
N ARG A 81 -3.69 -9.66 6.63
CA ARG A 81 -4.42 -10.89 6.45
C ARG A 81 -5.91 -10.57 6.34
N MET A 82 -6.56 -11.15 5.34
CA MET A 82 -8.01 -11.09 5.22
CA MET A 82 -8.02 -11.06 5.27
C MET A 82 -8.63 -12.27 5.98
N ILE A 83 -9.71 -12.01 6.72
CA ILE A 83 -10.48 -13.05 7.36
C ILE A 83 -11.56 -13.59 6.40
N GLY A 84 -12.24 -12.68 5.72
CA GLY A 84 -13.18 -13.07 4.68
C GLY A 84 -14.08 -11.92 4.25
N ILE A 85 -15.09 -12.25 3.45
CA ILE A 85 -16.02 -11.24 2.98
C ILE A 85 -17.38 -11.53 3.60
N CYS A 86 -18.16 -10.47 3.81
CA CYS A 86 -19.50 -10.60 4.35
C CYS A 86 -20.43 -9.79 3.46
N GLU A 87 -21.49 -10.44 2.96
CA GLU A 87 -22.58 -9.81 2.23
C GLU A 87 -23.79 -9.74 3.17
N ALA A 88 -24.06 -8.54 3.67
CA ALA A 88 -25.11 -8.32 4.64
C ALA A 88 -25.84 -7.05 4.23
N GLU A 89 -25.62 -5.93 4.94
CA GLU A 89 -26.31 -4.69 4.63
C GLU A 89 -25.57 -3.92 3.52
N SER A 90 -24.23 -4.05 3.46
CA SER A 90 -23.44 -3.71 2.29
C SER A 90 -22.54 -4.93 2.10
N TRP A 91 -21.63 -4.83 1.15
CA TRP A 91 -20.61 -5.85 1.06
C TRP A 91 -19.41 -5.34 1.86
N MET A 92 -18.76 -6.29 2.52
CA MET A 92 -17.74 -5.97 3.52
C MET A 92 -16.55 -6.92 3.35
N LEU A 93 -15.35 -6.35 3.41
CA LEU A 93 -14.12 -7.10 3.45
C LEU A 93 -13.55 -6.99 4.86
N VAL A 94 -13.41 -8.13 5.52
CA VAL A 94 -13.04 -8.15 6.93
C VAL A 94 -11.56 -8.53 7.00
N MET A 95 -10.78 -7.74 7.73
CA MET A 95 -9.34 -7.92 7.73
C MET A 95 -8.85 -7.89 9.17
N GLU A 96 -7.74 -8.57 9.44
CA GLU A 96 -7.14 -8.41 10.77
C GLU A 96 -6.77 -6.95 10.98
N MET A 97 -7.10 -6.40 12.16
CA MET A 97 -6.88 -5.00 12.44
CA MET A 97 -6.89 -4.99 12.46
C MET A 97 -5.41 -4.67 12.74
N ALA A 98 -4.88 -3.68 12.04
CA ALA A 98 -3.59 -3.08 12.37
C ALA A 98 -3.90 -1.83 13.18
N GLU A 99 -3.66 -1.83 14.50
CA GLU A 99 -4.35 -0.87 15.35
C GLU A 99 -3.83 0.55 15.24
N LEU A 100 -2.56 0.79 14.85
CA LEU A 100 -2.01 2.13 14.79
C LEU A 100 -2.40 2.84 13.50
N GLY A 101 -2.94 2.13 12.50
CA GLY A 101 -3.51 2.81 11.34
C GLY A 101 -2.47 3.19 10.29
N PRO A 102 -2.92 3.94 9.25
CA PRO A 102 -2.08 4.34 8.13
C PRO A 102 -0.80 5.06 8.55
N LEU A 103 0.30 4.70 7.89
CA LEU A 103 1.63 5.23 8.14
C LEU A 103 1.69 6.74 7.98
N ASN A 104 1.07 7.28 6.93
CA ASN A 104 1.15 8.71 6.67
C ASN A 104 0.55 9.49 7.84
N LYS A 105 -0.66 9.11 8.26
CA LYS A 105 -1.31 9.80 9.37
C LYS A 105 -0.47 9.64 10.64
N TYR A 106 0.05 8.43 10.87
CA TYR A 106 0.80 8.17 12.06
C TYR A 106 2.00 9.13 12.14
N LEU A 107 2.68 9.34 11.02
CA LEU A 107 3.87 10.18 11.05
C LEU A 107 3.50 11.66 11.15
N GLN A 108 2.33 12.04 10.66
CA GLN A 108 1.88 13.41 10.76
C GLN A 108 1.69 13.72 12.24
N GLN A 109 1.21 12.73 12.99
CA GLN A 109 0.84 12.92 14.40
C GLN A 109 1.98 12.59 15.35
N ASN A 110 2.97 11.82 14.91
CA ASN A 110 4.09 11.41 15.74
C ASN A 110 5.40 11.82 15.09
N ARG A 111 5.78 13.08 15.28
CA ARG A 111 6.87 13.67 14.52
C ARG A 111 8.24 13.42 15.13
N HIS A 112 8.33 12.60 16.18
CA HIS A 112 9.62 12.33 16.80
C HIS A 112 10.04 10.88 16.60
N VAL A 113 9.38 10.18 15.66
CA VAL A 113 9.83 8.86 15.28
C VAL A 113 11.24 8.99 14.70
N LYS A 114 12.17 8.13 15.16
CA LYS A 114 13.58 8.24 14.81
C LYS A 114 13.84 7.70 13.41
N ASP A 115 14.92 8.17 12.78
CA ASP A 115 15.25 7.73 11.43
C ASP A 115 15.37 6.22 11.32
N LYS A 116 16.07 5.61 12.29
CA LYS A 116 16.26 4.18 12.29
C LYS A 116 14.91 3.47 12.25
N ASN A 117 13.95 3.99 12.99
CA ASN A 117 12.63 3.39 13.09
C ASN A 117 11.89 3.53 11.76
N ILE A 118 12.02 4.69 11.09
CA ILE A 118 11.43 4.86 9.77
C ILE A 118 12.05 3.88 8.79
N ILE A 119 13.38 3.74 8.85
CA ILE A 119 14.04 2.79 7.97
C ILE A 119 13.49 1.38 8.22
N GLU A 120 13.37 0.99 9.49
CA GLU A 120 12.82 -0.31 9.84
C GLU A 120 11.45 -0.56 9.17
N LEU A 121 10.55 0.41 9.29
CA LEU A 121 9.19 0.27 8.76
C LEU A 121 9.25 0.15 7.24
N VAL A 122 10.00 1.02 6.56
CA VAL A 122 10.00 0.94 5.11
C VAL A 122 10.72 -0.32 4.65
N HIS A 123 11.70 -0.85 5.43
CA HIS A 123 12.27 -2.14 5.14
C HIS A 123 11.21 -3.24 5.20
N GLN A 124 10.30 -3.20 6.18
CA GLN A 124 9.21 -4.17 6.26
C GLN A 124 8.32 -4.11 5.03
N VAL A 125 7.99 -2.91 4.59
CA VAL A 125 7.24 -2.75 3.36
C VAL A 125 8.00 -3.40 2.19
N SER A 126 9.33 -3.17 2.09
CA SER A 126 10.12 -3.76 1.02
C SER A 126 10.14 -5.29 1.10
N MET A 127 10.04 -5.87 2.31
CA MET A 127 9.99 -7.31 2.43
C MET A 127 8.65 -7.86 1.95
N GLY A 128 7.55 -7.21 2.33
CA GLY A 128 6.24 -7.53 1.77
C GLY A 128 6.16 -7.41 0.23
N MET A 129 6.80 -6.36 -0.31
CA MET A 129 6.81 -6.15 -1.76
C MET A 129 7.71 -7.16 -2.46
N LYS A 130 8.82 -7.52 -1.85
CA LYS A 130 9.65 -8.58 -2.41
C LYS A 130 8.85 -9.88 -2.51
N TYR A 131 8.06 -10.20 -1.47
CA TYR A 131 7.16 -11.32 -1.51
C TYR A 131 6.14 -11.19 -2.67
N LEU A 132 5.50 -10.02 -2.81
CA LEU A 132 4.54 -9.82 -3.90
C LEU A 132 5.21 -10.00 -5.26
N GLU A 133 6.44 -9.48 -5.41
CA GLU A 133 7.17 -9.62 -6.67
C GLU A 133 7.44 -11.09 -6.97
N GLU A 134 7.91 -11.83 -5.96
CA GLU A 134 8.18 -13.25 -6.12
C GLU A 134 6.93 -14.03 -6.49
N SER A 135 5.74 -13.58 -6.01
CA SER A 135 4.44 -14.16 -6.23
C SER A 135 3.81 -13.76 -7.58
N ASN A 136 4.47 -12.81 -8.27
CA ASN A 136 4.04 -12.23 -9.55
C ASN A 136 2.67 -11.53 -9.44
N PHE A 137 2.53 -10.72 -8.37
CA PHE A 137 1.46 -9.76 -8.24
C PHE A 137 2.05 -8.35 -8.31
N VAL A 138 1.30 -7.44 -8.94
CA VAL A 138 1.62 -6.02 -8.88
C VAL A 138 0.58 -5.36 -7.99
N HIS A 139 1.05 -4.45 -7.14
CA HIS A 139 0.19 -3.78 -6.17
C HIS A 139 -0.61 -2.61 -6.77
N ARG A 140 0.10 -1.71 -7.45
CA ARG A 140 -0.46 -0.63 -8.24
C ARG A 140 -1.10 0.47 -7.40
N ASP A 141 -0.93 0.44 -6.07
CA ASP A 141 -1.42 1.54 -5.24
C ASP A 141 -0.52 1.65 -4.02
N LEU A 142 0.80 1.55 -4.23
CA LEU A 142 1.74 1.54 -3.12
C LEU A 142 2.09 2.97 -2.69
N ALA A 143 1.50 3.35 -1.56
CA ALA A 143 1.57 4.70 -1.02
C ALA A 143 1.63 4.57 0.49
N ALA A 144 2.14 5.60 1.20
CA ALA A 144 2.18 5.55 2.66
C ALA A 144 0.79 5.39 3.28
N ARG A 145 -0.28 5.89 2.64
CA ARG A 145 -1.63 5.76 3.18
C ARG A 145 -2.10 4.29 3.21
N ASN A 146 -1.44 3.41 2.44
CA ASN A 146 -1.85 2.03 2.27
C ASN A 146 -0.90 1.08 3.00
N VAL A 147 -0.05 1.65 3.86
CA VAL A 147 0.78 0.90 4.78
C VAL A 147 0.19 1.08 6.17
N LEU A 148 -0.09 -0.04 6.85
CA LEU A 148 -0.77 0.01 8.15
C LEU A 148 0.22 -0.42 9.24
N LEU A 149 0.15 0.27 10.39
CA LEU A 149 1.05 -0.04 11.50
C LEU A 149 0.32 -0.90 12.51
N VAL A 150 0.88 -2.09 12.70
CA VAL A 150 0.46 -3.02 13.75
C VAL A 150 0.98 -2.47 15.09
N THR A 151 2.29 -2.16 15.09
CA THR A 151 2.93 -1.44 16.17
C THR A 151 3.82 -0.38 15.57
N GLN A 152 4.42 0.48 16.39
CA GLN A 152 5.35 1.45 15.87
C GLN A 152 6.58 0.81 15.21
N HIS A 153 6.79 -0.51 15.38
CA HIS A 153 7.92 -1.23 14.81
C HIS A 153 7.50 -2.37 13.89
N TYR A 154 6.23 -2.37 13.41
CA TYR A 154 5.75 -3.46 12.56
C TYR A 154 4.71 -2.92 11.60
N ALA A 155 5.09 -2.82 10.31
CA ALA A 155 4.25 -2.35 9.23
C ALA A 155 3.79 -3.52 8.38
N LYS A 156 2.57 -3.36 7.83
CA LYS A 156 1.97 -4.27 6.88
C LYS A 156 1.39 -3.48 5.71
N ILE A 157 1.33 -4.12 4.57
CA ILE A 157 0.75 -3.54 3.37
C ILE A 157 -0.71 -3.97 3.24
N SER A 158 -1.60 -3.03 2.84
CA SER A 158 -2.97 -3.35 2.51
C SER A 158 -3.35 -2.65 1.19
N ASP A 159 -4.67 -2.64 0.90
CA ASP A 159 -5.28 -1.87 -0.19
C ASP A 159 -4.92 -2.46 -1.58
N PHE A 160 -5.42 -3.67 -1.81
CA PHE A 160 -5.13 -4.47 -2.98
C PHE A 160 -6.20 -4.27 -4.06
N GLY A 161 -6.95 -3.17 -3.97
CA GLY A 161 -8.04 -2.92 -4.91
C GLY A 161 -7.62 -2.70 -6.37
N LEU A 162 -6.37 -2.30 -6.63
CA LEU A 162 -5.84 -2.14 -7.98
C LEU A 162 -4.85 -3.24 -8.32
N SER A 163 -4.69 -4.24 -7.43
CA SER A 163 -3.64 -5.23 -7.60
C SER A 163 -4.06 -6.25 -8.68
N LYS A 164 -3.07 -6.81 -9.37
CA LYS A 164 -3.29 -7.76 -10.46
C LYS A 164 -2.28 -8.90 -10.37
N ALA A 165 -2.75 -10.11 -10.64
CA ALA A 165 -1.90 -11.27 -10.80
C ALA A 165 -1.41 -11.28 -12.24
N LEU A 166 -0.10 -11.27 -12.40
CA LEU A 166 0.49 -11.19 -13.73
C LEU A 166 0.19 -12.49 -14.48
N ARG A 167 0.00 -12.31 -15.78
CA ARG A 167 -0.06 -13.47 -16.67
C ARG A 167 1.27 -14.20 -16.63
N ALA A 168 1.19 -15.52 -16.84
CA ALA A 168 2.37 -16.36 -16.77
C ALA A 168 3.43 -16.00 -17.80
N ASP A 169 3.05 -15.40 -18.93
CA ASP A 169 3.96 -15.12 -20.02
C ASP A 169 4.41 -13.66 -20.06
N GLU A 170 4.03 -12.85 -19.06
CA GLU A 170 4.36 -11.43 -19.09
C GLU A 170 4.84 -10.98 -17.72
N ASN A 171 5.73 -9.99 -17.76
CA ASN A 171 6.31 -9.36 -16.60
C ASN A 171 5.55 -8.09 -16.18
N LYS A 174 -1.03 -4.79 -18.54
CA LYS A 174 -1.29 -3.69 -19.45
C LYS A 174 -2.77 -3.32 -19.32
N ALA A 175 -3.04 -2.07 -18.91
CA ALA A 175 -4.41 -1.60 -18.69
C ALA A 175 -5.03 -1.23 -20.03
N GLN A 176 -6.33 -1.50 -20.17
CA GLN A 176 -7.18 -0.96 -21.23
C GLN A 176 -7.83 0.35 -20.75
N GLY A 179 -7.16 4.72 -16.75
CA GLY A 179 -7.91 4.46 -15.51
C GLY A 179 -8.03 5.73 -14.67
N LYS A 180 -8.62 5.61 -13.46
CA LYS A 180 -8.59 6.63 -12.41
C LYS A 180 -7.56 6.18 -11.37
N TRP A 181 -6.43 6.92 -11.35
CA TRP A 181 -5.18 6.36 -10.89
C TRP A 181 -4.47 7.35 -9.97
N PRO A 182 -3.71 6.79 -9.03
CA PRO A 182 -2.89 7.60 -8.13
C PRO A 182 -1.59 7.98 -8.82
N VAL A 183 -1.73 8.85 -9.83
CA VAL A 183 -0.68 9.22 -10.77
C VAL A 183 0.61 9.68 -10.09
N LYS A 184 0.50 10.35 -8.94
CA LYS A 184 1.68 10.84 -8.25
C LYS A 184 2.59 9.71 -7.73
N TRP A 185 2.08 8.48 -7.67
CA TRP A 185 2.87 7.33 -7.26
C TRP A 185 3.32 6.47 -8.45
N TYR A 186 2.93 6.86 -9.69
CA TYR A 186 3.14 6.01 -10.85
C TYR A 186 4.42 6.33 -11.62
N ALA A 187 5.08 5.28 -12.11
CA ALA A 187 6.27 5.40 -12.92
C ALA A 187 5.90 5.86 -14.33
N PRO A 188 6.89 6.41 -15.05
CA PRO A 188 6.64 6.91 -16.42
C PRO A 188 6.03 5.87 -17.35
N GLU A 189 6.41 4.60 -17.23
CA GLU A 189 5.81 3.60 -18.14
C GLU A 189 4.33 3.30 -17.86
N CYS A 190 3.88 3.55 -16.62
CA CYS A 190 2.48 3.40 -16.29
C CYS A 190 1.69 4.51 -16.95
N ILE A 191 2.23 5.73 -16.84
CA ILE A 191 1.58 6.92 -17.37
C ILE A 191 1.58 6.90 -18.91
N ASN A 192 2.71 6.53 -19.51
CA ASN A 192 2.88 6.68 -20.95
C ASN A 192 2.33 5.47 -21.71
N TYR A 193 2.42 4.26 -21.14
CA TYR A 193 2.12 3.05 -21.88
C TYR A 193 1.13 2.14 -21.17
N TYR A 194 0.69 2.55 -19.96
CA TYR A 194 -0.28 1.78 -19.20
C TYR A 194 0.29 0.40 -18.82
N LYS A 195 1.60 0.29 -18.63
CA LYS A 195 2.24 -0.97 -18.27
C LYS A 195 2.69 -0.92 -16.80
N PHE A 196 2.30 -1.96 -16.05
CA PHE A 196 2.55 -2.05 -14.63
C PHE A 196 3.30 -3.34 -14.32
N SER A 197 4.55 -3.17 -13.89
CA SER A 197 5.37 -4.28 -13.44
C SER A 197 5.72 -4.13 -11.95
N SER A 198 6.45 -5.12 -11.40
CA SER A 198 6.99 -4.93 -10.06
C SER A 198 7.94 -3.74 -10.02
N LYS A 199 8.70 -3.49 -11.10
CA LYS A 199 9.56 -2.32 -11.11
C LYS A 199 8.73 -1.05 -11.10
N SER A 200 7.52 -1.05 -11.63
CA SER A 200 6.62 0.09 -11.48
C SER A 200 6.30 0.32 -9.98
N ASP A 201 6.08 -0.80 -9.29
CA ASP A 201 5.87 -0.73 -7.84
C ASP A 201 7.09 -0.18 -7.11
N VAL A 202 8.33 -0.45 -7.56
CA VAL A 202 9.54 0.10 -6.98
C VAL A 202 9.52 1.62 -7.09
N TRP A 203 9.15 2.16 -8.26
CA TRP A 203 9.01 3.60 -8.36
C TRP A 203 8.09 4.15 -7.27
N SER A 204 6.89 3.54 -7.16
CA SER A 204 5.90 3.92 -6.14
C SER A 204 6.52 3.87 -4.74
N PHE A 205 7.26 2.80 -4.48
CA PHE A 205 7.94 2.68 -3.20
C PHE A 205 8.91 3.84 -2.89
N GLY A 206 9.62 4.37 -3.91
CA GLY A 206 10.45 5.55 -3.74
C GLY A 206 9.59 6.74 -3.27
N VAL A 207 8.40 6.89 -3.87
CA VAL A 207 7.48 7.95 -3.42
C VAL A 207 7.07 7.70 -1.96
N LEU A 208 6.76 6.44 -1.66
CA LEU A 208 6.38 6.08 -0.30
C LEU A 208 7.51 6.42 0.67
N MET A 209 8.78 6.11 0.33
CA MET A 209 9.92 6.45 1.18
CA MET A 209 9.89 6.45 1.23
C MET A 209 9.98 7.97 1.40
N TRP A 210 9.76 8.76 0.34
CA TRP A 210 9.77 10.20 0.45
C TRP A 210 8.71 10.63 1.48
N GLU A 211 7.52 10.07 1.35
CA GLU A 211 6.42 10.38 2.27
C GLU A 211 6.81 10.06 3.71
N ALA A 212 7.44 8.90 3.91
CA ALA A 212 7.80 8.45 5.25
C ALA A 212 8.82 9.40 5.86
N PHE A 213 9.84 9.84 5.09
CA PHE A 213 10.86 10.68 5.67
C PHE A 213 10.42 12.15 5.77
N SER A 214 9.26 12.48 5.20
CA SER A 214 8.66 13.81 5.24
C SER A 214 7.52 13.89 6.25
N TYR A 215 7.50 12.90 7.16
CA TYR A 215 6.45 12.77 8.15
C TYR A 215 5.04 12.93 7.55
N GLY A 216 4.79 12.18 6.46
CA GLY A 216 3.45 12.09 5.93
C GLY A 216 2.98 13.31 5.12
N GLN A 217 3.91 14.12 4.62
CA GLN A 217 3.56 15.15 3.65
C GLN A 217 3.11 14.47 2.34
N LYS A 218 2.21 15.14 1.62
CA LYS A 218 1.80 14.68 0.30
C LYS A 218 2.94 14.91 -0.68
N PRO A 219 3.18 13.95 -1.59
CA PRO A 219 4.17 14.17 -2.65
C PRO A 219 3.65 15.12 -3.71
N TYR A 220 4.60 15.79 -4.38
CA TYR A 220 4.33 16.75 -5.45
C TYR A 220 3.22 17.73 -5.05
N ARG A 221 3.41 18.31 -3.87
CA ARG A 221 2.43 19.21 -3.31
C ARG A 221 2.14 20.34 -4.30
N GLY A 222 0.85 20.64 -4.48
CA GLY A 222 0.43 21.78 -5.26
C GLY A 222 0.41 21.54 -6.76
N MET A 223 0.75 20.33 -7.19
CA MET A 223 0.94 20.06 -8.61
C MET A 223 -0.18 19.18 -9.14
N LYS A 224 -0.61 19.47 -10.37
CA LYS A 224 -1.51 18.59 -11.11
C LYS A 224 -0.72 17.41 -11.65
N GLY A 225 -1.41 16.30 -11.92
CA GLY A 225 -0.78 15.13 -12.50
C GLY A 225 -0.01 15.44 -13.79
N SER A 226 -0.54 16.29 -14.68
CA SER A 226 0.17 16.64 -15.91
C SER A 226 1.48 17.37 -15.62
N GLU A 227 1.49 18.17 -14.55
CA GLU A 227 2.67 18.91 -14.12
C GLU A 227 3.72 17.95 -13.54
N VAL A 228 3.26 16.91 -12.83
CA VAL A 228 4.18 15.90 -12.30
C VAL A 228 4.83 15.16 -13.47
N THR A 229 4.01 14.69 -14.41
CA THR A 229 4.54 14.00 -15.60
C THR A 229 5.58 14.87 -16.30
N ALA A 230 5.31 16.18 -16.46
CA ALA A 230 6.25 17.08 -17.16
C ALA A 230 7.57 17.20 -16.38
N MET A 231 7.43 17.29 -15.06
CA MET A 231 8.57 17.47 -14.18
C MET A 231 9.47 16.25 -14.32
N LEU A 232 8.88 15.05 -14.24
CA LEU A 232 9.65 13.81 -14.33
C LEU A 232 10.29 13.61 -15.71
N GLU A 233 9.57 13.97 -16.77
CA GLU A 233 10.08 13.78 -18.11
C GLU A 233 11.29 14.69 -18.34
N LYS A 234 11.40 15.79 -17.59
CA LYS A 234 12.50 16.74 -17.63
C LYS A 234 13.71 16.27 -16.82
N GLY A 235 13.59 15.11 -16.17
CA GLY A 235 14.62 14.57 -15.29
C GLY A 235 14.65 15.19 -13.92
N GLU A 236 13.59 15.90 -13.50
CA GLU A 236 13.61 16.48 -12.18
C GLU A 236 12.92 15.50 -11.23
N ARG A 237 13.30 15.60 -9.96
CA ARG A 237 12.75 14.76 -8.90
C ARG A 237 12.54 15.61 -7.66
N MET A 238 11.64 15.14 -6.78
CA MET A 238 11.42 15.81 -5.52
C MET A 238 12.77 15.94 -4.81
N GLY A 239 12.93 17.05 -4.08
CA GLY A 239 14.09 17.25 -3.25
C GLY A 239 14.12 16.40 -1.97
N CYS A 240 15.27 16.47 -1.32
CA CYS A 240 15.55 15.67 -0.12
C CYS A 240 14.78 16.23 1.05
N PRO A 241 13.91 15.45 1.75
CA PRO A 241 13.20 15.93 2.95
C PRO A 241 14.19 16.44 3.99
N ALA A 242 13.79 17.52 4.67
CA ALA A 242 14.56 18.11 5.74
C ALA A 242 14.97 17.02 6.72
N GLY A 243 16.27 16.83 6.89
CA GLY A 243 16.73 15.90 7.92
C GLY A 243 16.83 14.46 7.43
N CYS A 244 16.48 14.18 6.17
CA CYS A 244 16.39 12.78 5.71
C CYS A 244 17.80 12.21 5.54
N PRO A 245 18.13 10.98 6.02
CA PRO A 245 19.48 10.45 5.80
C PRO A 245 19.83 10.40 4.31
N ARG A 246 21.08 10.77 3.98
CA ARG A 246 21.51 10.91 2.59
C ARG A 246 21.36 9.58 1.87
N GLU A 247 21.71 8.46 2.53
CA GLU A 247 21.63 7.17 1.88
C GLU A 247 20.18 6.84 1.50
N MET A 248 19.21 7.32 2.29
CA MET A 248 17.81 7.03 2.03
C MET A 248 17.31 7.89 0.84
N TYR A 249 17.81 9.12 0.76
CA TYR A 249 17.42 9.94 -0.38
C TYR A 249 18.03 9.37 -1.67
N ASP A 250 19.27 8.88 -1.57
CA ASP A 250 19.95 8.29 -2.70
C ASP A 250 19.12 7.06 -3.17
N LEU A 251 18.59 6.26 -2.22
CA LEU A 251 17.80 5.08 -2.61
C LEU A 251 16.49 5.48 -3.29
N MET A 252 15.84 6.55 -2.81
CA MET A 252 14.66 7.10 -3.47
C MET A 252 14.99 7.42 -4.94
N ASN A 253 16.11 8.09 -5.20
CA ASN A 253 16.44 8.47 -6.56
C ASN A 253 16.70 7.24 -7.44
N LEU A 254 17.21 6.16 -6.84
CA LEU A 254 17.37 4.92 -7.60
C LEU A 254 16.03 4.25 -7.94
N CYS A 255 15.08 4.32 -7.01
CA CYS A 255 13.74 3.85 -7.26
C CYS A 255 13.10 4.67 -8.39
N TRP A 256 13.47 5.96 -8.48
CA TRP A 256 12.97 6.83 -9.51
C TRP A 256 13.85 6.85 -10.77
N THR A 257 14.39 5.70 -11.14
CA THR A 257 15.13 5.54 -12.39
C THR A 257 14.11 5.48 -13.52
N TYR A 258 14.26 6.37 -14.52
CA TYR A 258 13.29 6.44 -15.61
C TYR A 258 13.25 5.13 -16.39
N ASP A 259 14.42 4.62 -16.80
CA ASP A 259 14.51 3.39 -17.59
C ASP A 259 14.14 2.16 -16.74
N VAL A 260 13.11 1.42 -17.14
CA VAL A 260 12.69 0.26 -16.34
C VAL A 260 13.80 -0.78 -16.18
N GLU A 261 14.62 -1.03 -17.22
CA GLU A 261 15.63 -2.07 -17.18
C GLU A 261 16.70 -1.77 -16.13
N ASN A 262 17.04 -0.49 -15.92
CA ASN A 262 18.07 -0.13 -14.96
C ASN A 262 17.49 0.23 -13.59
N ARG A 263 16.17 0.23 -13.45
CA ARG A 263 15.60 0.48 -12.13
C ARG A 263 15.73 -0.81 -11.34
N PRO A 264 16.11 -0.82 -10.04
CA PRO A 264 16.14 -2.08 -9.29
C PRO A 264 14.76 -2.70 -9.10
N GLY A 265 14.79 -4.02 -8.87
CA GLY A 265 13.64 -4.75 -8.38
C GLY A 265 13.63 -4.74 -6.85
N PHE A 266 12.59 -5.34 -6.26
CA PHE A 266 12.47 -5.34 -4.80
C PHE A 266 13.55 -6.18 -4.11
N ALA A 267 14.07 -7.23 -4.76
CA ALA A 267 15.15 -7.97 -4.12
C ALA A 267 16.32 -7.03 -3.82
N ALA A 268 16.71 -6.16 -4.78
CA ALA A 268 17.79 -5.23 -4.55
C ALA A 268 17.46 -4.13 -3.57
N VAL A 269 16.24 -3.59 -3.66
CA VAL A 269 15.79 -2.53 -2.76
C VAL A 269 15.80 -3.08 -1.32
N GLU A 270 15.23 -4.28 -1.12
CA GLU A 270 15.14 -4.84 0.23
C GLU A 270 16.52 -4.96 0.86
N LEU A 271 17.53 -5.37 0.08
CA LEU A 271 18.90 -5.47 0.56
C LEU A 271 19.42 -4.13 1.08
N ARG A 272 19.14 -3.06 0.32
CA ARG A 272 19.55 -1.72 0.65
C ARG A 272 18.85 -1.16 1.89
N LEU A 273 17.78 -1.78 2.39
CA LEU A 273 17.06 -1.25 3.53
C LEU A 273 17.33 -2.09 4.77
N ARG A 274 18.15 -3.14 4.59
CA ARG A 274 18.52 -3.93 5.76
C ARG A 274 19.52 -3.15 6.58
N ASN A 275 19.30 -3.04 7.88
CA ASN A 275 20.17 -2.15 8.64
C ASN A 275 21.17 -3.00 9.43
N TYR A 276 21.16 -4.33 9.18
CA TYR A 276 22.06 -5.30 9.81
C TYR A 276 23.04 -5.85 8.77
N TYR A 277 24.21 -6.39 9.21
CA TYR A 277 25.18 -6.93 8.26
C TYR A 277 24.62 -8.20 7.60
N TYR A 278 24.88 -8.38 6.30
CA TYR A 278 24.45 -9.60 5.61
C TYR A 278 25.19 -9.76 4.27
N ASP A 279 25.00 -10.91 3.60
CA ASP A 279 25.52 -11.11 2.26
C ASP A 279 24.37 -11.29 1.26
#